data_8IYM
#
_entry.id   8IYM
#
_cell.length_a   117.856
_cell.length_b   66.170
_cell.length_c   70.904
_cell.angle_alpha   90.000
_cell.angle_beta   91.420
_cell.angle_gamma   90.000
#
_symmetry.space_group_name_H-M   'C 1 2 1'
#
loop_
_entity.id
_entity.type
_entity.pdbx_description
1 polymer 'N-acetyltransferase domain-containing protein'
2 non-polymer 'POTASSIUM ION'
3 non-polymer 1,2-ETHANEDIOL
4 non-polymer 'THIOCYANATE ION'
5 water water
#
_entity_poly.entity_id   1
_entity_poly.type   'polypeptide(L)'
_entity_poly.pdbx_seq_one_letter_code
;SMVTIKVFSPKYPTELEEFYAERIADNPLGFIQRLDLLPSISGFVQKLREHGGEFFEMREGNKLIGICGLNPINQTEAEL
CKFHINSAYQSQGLGQKLYESVEKYAFIKGYTKISLHVSKSQIKACNLYQKLGFVHIKEEDCVVELGEETLIFPTLFMEK
ILS
;
_entity_poly.pdbx_strand_id   A,B,C
#
# COMPACT_ATOMS: atom_id res chain seq x y z
N MET A 2 -10.02 1.62 16.78
CA MET A 2 -9.74 0.18 16.99
C MET A 2 -10.57 -0.60 15.97
N VAL A 3 -9.86 -1.16 14.98
CA VAL A 3 -10.52 -2.02 13.99
C VAL A 3 -10.52 -3.44 14.55
N THR A 4 -11.69 -4.10 14.54
CA THR A 4 -11.87 -5.37 15.23
C THR A 4 -12.50 -6.35 14.26
N ILE A 5 -11.93 -7.59 14.23
CA ILE A 5 -12.49 -8.65 13.40
C ILE A 5 -12.90 -9.82 14.28
N LYS A 6 -14.13 -10.28 14.10
CA LYS A 6 -14.68 -11.39 14.88
C LYS A 6 -15.72 -12.07 14.05
N VAL A 7 -16.31 -13.12 14.59
CA VAL A 7 -17.54 -13.69 14.05
C VAL A 7 -18.61 -12.59 14.14
N PHE A 8 -19.41 -12.47 13.07
CA PHE A 8 -20.48 -11.50 13.05
C PHE A 8 -21.49 -11.80 14.18
N SER A 9 -21.83 -10.74 14.88
CA SER A 9 -22.76 -10.65 15.97
C SER A 9 -23.56 -9.33 15.81
N PRO A 10 -24.90 -9.40 15.60
CA PRO A 10 -25.63 -8.19 15.22
C PRO A 10 -25.73 -7.25 16.41
N LYS A 11 -25.61 -5.93 16.17
CA LYS A 11 -25.94 -4.96 17.23
C LYS A 11 -27.46 -4.88 17.41
N TYR A 12 -28.19 -5.02 16.32
CA TYR A 12 -29.64 -5.02 16.36
C TYR A 12 -30.06 -5.93 15.21
N PRO A 13 -31.27 -6.52 15.26
CA PRO A 13 -31.63 -7.64 14.35
C PRO A 13 -31.44 -7.40 12.86
N THR A 14 -31.71 -6.20 12.38
CA THR A 14 -31.63 -5.84 10.97
C THR A 14 -30.29 -5.20 10.57
N GLU A 15 -29.28 -5.19 11.44
CA GLU A 15 -28.01 -4.50 11.14
C GLU A 15 -27.37 -5.07 9.84
N LEU A 16 -27.34 -6.38 9.68
CA LEU A 16 -26.72 -6.99 8.54
C LEU A 16 -27.47 -6.67 7.25
N GLU A 17 -28.79 -6.84 7.25
CA GLU A 17 -29.63 -6.43 6.13
C GLU A 17 -29.30 -5.03 5.64
N GLU A 18 -29.18 -4.13 6.58
CA GLU A 18 -28.96 -2.72 6.23
C GLU A 18 -27.57 -2.51 5.62
N PHE A 19 -26.54 -3.06 6.27
CA PHE A 19 -25.18 -3.04 5.73
C PHE A 19 -25.14 -3.58 4.27
N TYR A 20 -25.81 -4.69 4.05
CA TYR A 20 -25.78 -5.38 2.78
C TYR A 20 -26.52 -4.59 1.72
N ALA A 21 -27.66 -4.02 2.09
CA ALA A 21 -28.37 -3.13 1.17
C ALA A 21 -27.49 -1.94 0.81
N GLU A 22 -26.74 -1.35 1.76
CA GLU A 22 -25.87 -0.24 1.46
C GLU A 22 -24.78 -0.67 0.47
N ARG A 23 -24.19 -1.89 0.62
CA ARG A 23 -23.21 -2.37 -0.35
C ARG A 23 -23.81 -2.52 -1.74
N ILE A 24 -24.99 -3.13 -1.85
CA ILE A 24 -25.68 -3.32 -3.13
C ILE A 24 -26.04 -1.95 -3.72
N ALA A 25 -26.42 -0.97 -2.91
CA ALA A 25 -26.73 0.37 -3.39
C ALA A 25 -25.47 1.08 -3.90
N ASP A 26 -24.24 0.63 -3.52
CA ASP A 26 -23.00 1.33 -3.84
C ASP A 26 -22.50 0.80 -5.19
N ASN A 27 -23.09 1.31 -6.29
CA ASN A 27 -22.89 0.82 -7.65
C ASN A 27 -22.58 1.99 -8.59
N PRO A 28 -21.49 2.78 -8.39
CA PRO A 28 -21.35 4.05 -9.13
C PRO A 28 -21.07 3.88 -10.62
N LEU A 29 -20.42 2.78 -10.98
CA LEU A 29 -20.15 2.37 -12.35
C LEU A 29 -21.39 1.81 -13.07
N GLY A 30 -22.50 1.56 -12.33
CA GLY A 30 -23.78 1.22 -12.92
C GLY A 30 -23.81 -0.22 -13.44
N PHE A 31 -23.15 -1.16 -12.74
CA PHE A 31 -23.20 -2.57 -13.09
C PHE A 31 -24.60 -3.15 -12.91
N ILE A 32 -25.05 -4.03 -13.82
CA ILE A 32 -26.27 -4.84 -13.62
C ILE A 32 -26.05 -5.68 -12.37
N GLN A 33 -27.14 -5.86 -11.58
CA GLN A 33 -27.11 -6.59 -10.33
C GLN A 33 -28.17 -7.68 -10.38
N ARG A 34 -27.74 -8.93 -10.07
CA ARG A 34 -28.59 -10.08 -9.77
C ARG A 34 -28.77 -10.06 -8.25
N LEU A 35 -29.95 -9.63 -7.76
CA LEU A 35 -30.20 -9.59 -6.33
C LEU A 35 -30.34 -11.01 -5.77
N ASP A 36 -29.90 -11.23 -4.53
CA ASP A 36 -30.20 -12.52 -3.90
C ASP A 36 -31.73 -12.67 -3.71
N PRO A 39 -33.40 -16.45 0.71
CA PRO A 39 -33.59 -15.67 1.96
C PRO A 39 -32.73 -14.40 2.08
N SER A 40 -33.11 -13.51 3.00
CA SER A 40 -32.30 -12.37 3.37
C SER A 40 -30.92 -12.84 3.86
N ILE A 41 -29.98 -11.90 3.86
CA ILE A 41 -28.59 -12.15 4.22
C ILE A 41 -28.49 -12.81 5.60
N SER A 42 -29.25 -12.36 6.57
CA SER A 42 -29.32 -13.01 7.86
C SER A 42 -29.77 -14.46 7.77
N GLY A 43 -30.77 -14.80 6.94
CA GLY A 43 -31.10 -16.19 6.67
C GLY A 43 -29.93 -16.97 6.05
N PHE A 44 -29.21 -16.31 5.11
CA PHE A 44 -28.07 -16.93 4.44
C PHE A 44 -27.04 -17.28 5.51
N VAL A 45 -26.77 -16.32 6.41
CA VAL A 45 -25.77 -16.53 7.43
C VAL A 45 -26.15 -17.70 8.31
N GLN A 46 -27.42 -17.71 8.74
CA GLN A 46 -27.94 -18.82 9.55
C GLN A 46 -27.70 -20.18 8.87
N LYS A 47 -28.03 -20.26 7.58
CA LYS A 47 -27.89 -21.51 6.82
C LYS A 47 -26.43 -21.90 6.66
N LEU A 48 -25.56 -20.87 6.44
CA LEU A 48 -24.13 -21.08 6.28
C LEU A 48 -23.56 -21.70 7.57
N ARG A 49 -23.96 -21.16 8.72
CA ARG A 49 -23.46 -21.66 9.99
C ARG A 49 -23.97 -23.08 10.26
N GLU A 50 -25.25 -23.36 9.92
CA GLU A 50 -25.82 -24.70 10.04
C GLU A 50 -25.06 -25.73 9.19
N HIS A 51 -24.55 -25.32 8.01
CA HIS A 51 -23.78 -26.17 7.11
C HIS A 51 -22.31 -26.29 7.56
N GLY A 52 -21.92 -25.69 8.68
CA GLY A 52 -20.55 -25.74 9.18
C GLY A 52 -19.68 -24.54 8.76
N GLY A 53 -20.24 -23.53 8.07
CA GLY A 53 -19.47 -22.36 7.72
C GLY A 53 -19.41 -21.36 8.87
N GLU A 54 -18.96 -20.17 8.53
CA GLU A 54 -18.79 -19.08 9.46
C GLU A 54 -18.79 -17.76 8.72
N PHE A 55 -19.23 -16.72 9.46
CA PHE A 55 -19.49 -15.40 8.91
C PHE A 55 -18.88 -14.37 9.85
N PHE A 56 -18.08 -13.47 9.28
CA PHE A 56 -17.25 -12.54 10.03
C PHE A 56 -17.66 -11.08 9.81
N GLU A 57 -17.38 -10.28 10.85
CA GLU A 57 -17.52 -8.83 10.84
C GLU A 57 -16.14 -8.20 10.92
N MET A 58 -16.06 -7.00 10.38
CA MET A 58 -15.03 -6.07 10.78
C MET A 58 -15.72 -4.79 11.23
N ARG A 59 -15.31 -4.30 12.40
CA ARG A 59 -15.88 -3.08 12.92
C ARG A 59 -14.78 -2.02 13.11
N GLU A 60 -15.11 -0.75 12.88
CA GLU A 60 -14.28 0.39 13.29
C GLU A 60 -15.01 1.02 14.47
N GLY A 61 -14.44 0.84 15.66
CA GLY A 61 -15.19 1.08 16.88
C GLY A 61 -16.40 0.15 16.89
N ASN A 62 -17.60 0.70 16.98
CA ASN A 62 -18.82 -0.13 16.93
C ASN A 62 -19.40 -0.23 15.53
N LYS A 63 -18.79 0.40 14.54
CA LYS A 63 -19.41 0.55 13.23
C LYS A 63 -19.05 -0.66 12.38
N LEU A 64 -20.05 -1.34 11.80
CA LEU A 64 -19.79 -2.40 10.86
C LEU A 64 -19.26 -1.83 9.54
N ILE A 65 -18.05 -2.22 9.15
CA ILE A 65 -17.44 -1.69 7.91
C ILE A 65 -17.12 -2.81 6.92
N GLY A 66 -17.08 -4.07 7.34
CA GLY A 66 -16.94 -5.18 6.41
C GLY A 66 -17.51 -6.49 6.92
N ILE A 67 -17.74 -7.39 5.95
CA ILE A 67 -18.23 -8.74 6.19
C ILE A 67 -17.52 -9.71 5.24
N CYS A 68 -17.57 -10.99 5.58
CA CYS A 68 -16.90 -12.06 4.85
C CYS A 68 -17.50 -13.36 5.35
N GLY A 69 -17.82 -14.29 4.42
CA GLY A 69 -18.22 -15.65 4.79
C GLY A 69 -17.21 -16.70 4.34
N LEU A 70 -17.20 -17.85 5.01
CA LEU A 70 -16.50 -19.04 4.58
C LEU A 70 -17.49 -20.22 4.53
N ASN A 71 -17.63 -20.88 3.39
CA ASN A 71 -18.55 -21.98 3.19
C ASN A 71 -17.80 -23.26 2.87
N PRO A 72 -17.89 -24.33 3.69
CA PRO A 72 -17.16 -25.55 3.40
C PRO A 72 -17.66 -26.16 2.09
N ILE A 73 -16.72 -26.47 1.21
CA ILE A 73 -16.93 -27.30 0.04
C ILE A 73 -16.70 -28.77 0.43
N ASN A 74 -15.59 -29.06 1.13
CA ASN A 74 -15.28 -30.37 1.66
C ASN A 74 -14.37 -30.17 2.88
N GLN A 75 -13.75 -31.27 3.31
CA GLN A 75 -12.84 -31.35 4.43
C GLN A 75 -11.70 -30.33 4.34
N THR A 76 -11.18 -30.04 3.14
CA THR A 76 -9.98 -29.22 3.00
C THR A 76 -10.15 -27.97 2.16
N GLU A 77 -11.32 -27.76 1.52
CA GLU A 77 -11.59 -26.59 0.70
C GLU A 77 -12.80 -25.84 1.27
N ALA A 78 -12.67 -24.50 1.39
CA ALA A 78 -13.72 -23.61 1.77
C ALA A 78 -13.86 -22.57 0.67
N GLU A 79 -15.05 -21.96 0.57
CA GLU A 79 -15.33 -20.95 -0.43
C GLU A 79 -15.55 -19.67 0.32
N LEU A 80 -14.88 -18.62 -0.17
CA LEU A 80 -15.06 -17.27 0.33
C LEU A 80 -16.34 -16.70 -0.27
N CYS A 81 -17.26 -16.13 0.56
CA CYS A 81 -18.53 -15.64 0.03
C CYS A 81 -18.98 -14.38 0.76
N LYS A 82 -19.82 -13.60 0.11
CA LYS A 82 -20.36 -12.37 0.65
C LYS A 82 -19.27 -11.43 1.19
N PHE A 83 -18.11 -11.38 0.52
CA PHE A 83 -17.02 -10.49 0.94
C PHE A 83 -17.31 -9.05 0.47
N HIS A 84 -17.54 -8.15 1.41
CA HIS A 84 -18.02 -6.80 1.09
C HIS A 84 -17.47 -5.84 2.15
N ILE A 85 -16.82 -4.78 1.69
CA ILE A 85 -16.25 -3.73 2.51
C ILE A 85 -16.97 -2.46 2.11
N ASN A 86 -17.25 -1.57 3.07
CA ASN A 86 -17.68 -0.19 2.79
C ASN A 86 -16.55 0.49 1.99
N SER A 87 -16.89 0.98 0.79
CA SER A 87 -15.85 1.38 -0.17
C SER A 87 -15.00 2.53 0.34
N ALA A 88 -15.53 3.36 1.27
CA ALA A 88 -14.74 4.39 1.93
C ALA A 88 -13.51 3.85 2.66
N TYR A 89 -13.45 2.53 2.99
CA TYR A 89 -12.32 1.93 3.68
C TYR A 89 -11.36 1.16 2.78
N GLN A 90 -11.52 1.29 1.45
CA GLN A 90 -10.70 0.59 0.46
C GLN A 90 -9.23 1.05 0.42
N SER A 91 -8.93 2.36 0.65
CA SER A 91 -7.54 2.81 0.60
C SER A 91 -6.72 2.46 1.86
N GLN A 92 -7.36 2.10 2.97
CA GLN A 92 -6.65 1.66 4.18
C GLN A 92 -6.20 0.20 4.13
N GLY A 93 -6.55 -0.57 3.09
CA GLY A 93 -6.20 -1.96 3.06
C GLY A 93 -6.98 -2.80 4.10
N LEU A 94 -8.19 -2.37 4.50
CA LEU A 94 -8.97 -3.09 5.47
C LEU A 94 -9.66 -4.28 4.83
N GLY A 95 -9.91 -4.27 3.54
CA GLY A 95 -10.39 -5.50 2.89
C GLY A 95 -9.37 -6.65 3.10
N GLN A 96 -8.08 -6.26 2.99
CA GLN A 96 -6.99 -7.19 3.09
C GLN A 96 -6.85 -7.69 4.53
N LYS A 97 -7.06 -6.78 5.50
CA LYS A 97 -7.02 -7.11 6.93
C LYS A 97 -8.12 -8.14 7.24
N LEU A 98 -9.35 -7.88 6.79
CA LEU A 98 -10.41 -8.81 7.07
C LEU A 98 -10.10 -10.16 6.42
N TYR A 99 -9.67 -10.20 5.16
CA TYR A 99 -9.35 -11.46 4.51
C TYR A 99 -8.25 -12.20 5.26
N GLU A 100 -7.16 -11.52 5.66
CA GLU A 100 -6.08 -12.21 6.36
C GLU A 100 -6.57 -12.85 7.68
N SER A 101 -7.50 -12.23 8.42
CA SER A 101 -8.05 -12.82 9.64
C SER A 101 -8.86 -14.05 9.30
N VAL A 102 -9.70 -13.94 8.29
CA VAL A 102 -10.52 -15.04 7.82
C VAL A 102 -9.67 -16.23 7.32
N GLU A 103 -8.56 -15.93 6.64
CA GLU A 103 -7.65 -16.94 6.14
C GLU A 103 -6.97 -17.65 7.30
N LYS A 104 -6.47 -16.91 8.31
CA LYS A 104 -5.86 -17.56 9.47
C LYS A 104 -6.87 -18.49 10.14
N TYR A 105 -8.09 -18.01 10.35
CA TYR A 105 -9.18 -18.86 10.86
C TYR A 105 -9.33 -20.12 10.01
N ALA A 106 -9.31 -20.00 8.66
CA ALA A 106 -9.57 -21.14 7.79
C ALA A 106 -8.49 -22.21 7.97
N PHE A 107 -7.27 -21.69 8.04
CA PHE A 107 -6.09 -22.48 8.23
C PHE A 107 -6.14 -23.25 9.54
N ILE A 108 -6.48 -22.58 10.64
CA ILE A 108 -6.64 -23.19 11.97
C ILE A 108 -7.70 -24.29 11.93
N LYS A 109 -8.78 -24.07 11.12
CA LYS A 109 -9.87 -25.01 11.01
C LYS A 109 -9.53 -26.20 10.12
N GLY A 110 -8.35 -26.27 9.46
CA GLY A 110 -7.92 -27.44 8.72
C GLY A 110 -8.12 -27.32 7.20
N TYR A 111 -8.53 -26.16 6.73
CA TYR A 111 -8.62 -25.91 5.30
C TYR A 111 -7.25 -25.60 4.76
N THR A 112 -7.00 -26.13 3.60
CA THR A 112 -5.79 -25.84 2.84
C THR A 112 -6.09 -25.19 1.49
N LYS A 113 -7.36 -24.99 1.18
CA LYS A 113 -7.70 -24.30 -0.08
C LYS A 113 -8.88 -23.37 0.19
N ILE A 114 -8.80 -22.11 -0.35
CA ILE A 114 -9.97 -21.25 -0.44
C ILE A 114 -10.25 -20.95 -1.93
N SER A 115 -11.51 -21.21 -2.34
CA SER A 115 -11.96 -20.94 -3.70
C SER A 115 -12.97 -19.77 -3.67
N LEU A 116 -13.12 -19.10 -4.83
CA LEU A 116 -14.14 -18.06 -4.96
C LEU A 116 -14.47 -17.91 -6.43
N HIS A 117 -15.62 -17.25 -6.65
CA HIS A 117 -15.96 -16.81 -8.00
C HIS A 117 -16.47 -15.38 -7.90
N VAL A 118 -16.23 -14.64 -9.00
CA VAL A 118 -16.52 -13.22 -9.02
C VAL A 118 -16.86 -12.84 -10.45
N SER A 119 -17.76 -11.88 -10.56
CA SER A 119 -18.13 -11.30 -11.83
C SER A 119 -16.93 -10.64 -12.49
N LYS A 120 -16.85 -10.82 -13.81
CA LYS A 120 -15.69 -10.38 -14.56
C LYS A 120 -15.67 -8.86 -14.66
N SER A 121 -16.84 -8.22 -14.55
CA SER A 121 -16.94 -6.78 -14.51
C SER A 121 -16.29 -6.16 -13.26
N GLN A 122 -16.08 -6.91 -12.17
CA GLN A 122 -15.71 -6.35 -10.90
C GLN A 122 -14.17 -6.28 -10.83
N ILE A 123 -13.59 -5.31 -11.51
CA ILE A 123 -12.15 -5.14 -11.65
C ILE A 123 -11.47 -4.98 -10.30
N LYS A 124 -12.03 -4.11 -9.45
CA LYS A 124 -11.42 -3.73 -8.19
C LYS A 124 -11.40 -4.97 -7.31
N ALA A 125 -12.48 -5.77 -7.32
CA ALA A 125 -12.53 -7.00 -6.55
C ALA A 125 -11.49 -8.00 -7.05
N CYS A 126 -11.44 -8.26 -8.36
N CYS A 126 -11.44 -8.26 -8.36
CA CYS A 126 -10.47 -9.15 -8.97
CA CYS A 126 -10.45 -9.13 -8.97
C CYS A 126 -9.05 -8.72 -8.59
C CYS A 126 -9.04 -8.72 -8.57
N ASN A 127 -8.77 -7.40 -8.60
CA ASN A 127 -7.43 -6.90 -8.30
C ASN A 127 -7.05 -7.15 -6.84
N LEU A 128 -7.99 -6.96 -5.91
CA LEU A 128 -7.76 -7.34 -4.54
C LEU A 128 -7.43 -8.83 -4.39
N TYR A 129 -8.26 -9.70 -4.99
CA TYR A 129 -8.10 -11.15 -4.85
C TYR A 129 -6.72 -11.58 -5.35
N GLN A 130 -6.29 -11.09 -6.51
CA GLN A 130 -4.91 -11.25 -7.01
C GLN A 130 -3.87 -10.84 -5.97
N LYS A 131 -4.05 -9.64 -5.42
CA LYS A 131 -3.22 -9.09 -4.37
C LYS A 131 -3.17 -10.03 -3.17
N LEU A 132 -4.31 -10.68 -2.82
CA LEU A 132 -4.36 -11.55 -1.65
C LEU A 132 -3.72 -12.92 -1.95
N GLY A 133 -3.42 -13.23 -3.19
CA GLY A 133 -2.75 -14.49 -3.58
C GLY A 133 -3.69 -15.45 -4.32
N PHE A 134 -4.93 -15.03 -4.65
CA PHE A 134 -5.76 -15.88 -5.48
C PHE A 134 -5.21 -15.99 -6.90
N VAL A 135 -5.29 -17.20 -7.46
CA VAL A 135 -4.82 -17.52 -8.81
C VAL A 135 -6.02 -17.78 -9.70
N HIS A 136 -6.00 -17.27 -10.96
CA HIS A 136 -7.03 -17.54 -11.96
C HIS A 136 -6.99 -19.02 -12.35
N ILE A 137 -8.13 -19.73 -12.23
CA ILE A 137 -8.27 -21.14 -12.63
C ILE A 137 -9.02 -21.22 -13.96
N LYS A 138 -10.14 -20.49 -14.12
CA LYS A 138 -10.95 -20.61 -15.32
C LYS A 138 -11.93 -19.44 -15.33
N GLU A 139 -12.39 -19.10 -16.54
CA GLU A 139 -13.49 -18.18 -16.81
C GLU A 139 -14.61 -19.04 -17.39
N GLU A 140 -15.86 -18.69 -17.07
CA GLU A 140 -17.03 -19.28 -17.71
C GLU A 140 -18.06 -18.19 -17.92
N ASP A 141 -18.72 -18.17 -19.08
CA ASP A 141 -19.91 -17.35 -19.27
C ASP A 141 -21.07 -18.22 -18.75
N CYS A 142 -21.50 -18.00 -17.52
CA CYS A 142 -22.57 -18.78 -16.91
C CYS A 142 -23.93 -18.37 -17.51
N VAL A 143 -24.60 -19.29 -18.25
CA VAL A 143 -25.92 -19.04 -18.82
C VAL A 143 -27.00 -19.34 -17.77
N VAL A 144 -28.02 -18.47 -17.64
CA VAL A 144 -28.94 -18.47 -16.51
C VAL A 144 -30.33 -18.04 -17.00
N THR A 150 -32.49 -15.72 -21.42
CA THR A 150 -31.07 -16.09 -21.17
C THR A 150 -30.27 -14.85 -20.77
N LEU A 151 -29.70 -14.86 -19.55
CA LEU A 151 -28.67 -13.92 -19.12
C LEU A 151 -27.32 -14.63 -18.93
N ILE A 152 -26.23 -14.03 -19.47
CA ILE A 152 -24.86 -14.51 -19.35
C ILE A 152 -24.17 -13.65 -18.28
N PHE A 153 -23.60 -14.34 -17.26
CA PHE A 153 -22.79 -13.74 -16.22
C PHE A 153 -21.34 -14.21 -16.39
N PRO A 154 -20.49 -13.44 -17.16
CA PRO A 154 -19.07 -13.80 -17.24
C PRO A 154 -18.48 -13.78 -15.81
N THR A 155 -17.87 -14.93 -15.47
CA THR A 155 -17.47 -15.25 -14.11
C THR A 155 -16.02 -15.77 -14.13
N LEU A 156 -15.26 -15.29 -13.13
CA LEU A 156 -13.87 -15.61 -12.92
C LEU A 156 -13.80 -16.52 -11.72
N PHE A 157 -13.18 -17.71 -11.90
CA PHE A 157 -12.98 -18.64 -10.78
C PHE A 157 -11.52 -18.61 -10.36
N MET A 158 -11.30 -18.52 -9.04
CA MET A 158 -9.99 -18.28 -8.49
C MET A 158 -9.81 -19.20 -7.29
N GLU A 159 -8.57 -19.58 -6.99
CA GLU A 159 -8.27 -20.29 -5.76
C GLU A 159 -6.95 -19.82 -5.13
N LYS A 160 -6.76 -20.24 -3.89
CA LYS A 160 -5.52 -20.02 -3.15
C LYS A 160 -5.23 -21.26 -2.30
N ILE A 161 -4.01 -21.84 -2.44
CA ILE A 161 -3.56 -22.87 -1.50
C ILE A 161 -3.01 -22.19 -0.24
N LEU A 162 -3.37 -22.71 0.93
CA LEU A 162 -2.92 -22.16 2.21
C LEU A 162 -1.80 -23.02 2.79
N SER A 163 -0.78 -22.35 3.38
CA SER A 163 0.41 -22.98 3.95
C SER A 163 0.92 -22.23 5.22
N MET B 2 4.63 -19.99 0.98
CA MET B 2 5.98 -20.49 1.41
C MET B 2 7.09 -19.80 0.62
N VAL B 3 7.25 -18.48 0.86
CA VAL B 3 8.18 -17.69 0.06
C VAL B 3 9.56 -17.67 0.74
N THR B 4 10.61 -18.09 0.05
CA THR B 4 11.94 -18.23 0.58
C THR B 4 12.93 -17.37 -0.21
N ILE B 5 13.79 -16.63 0.51
CA ILE B 5 14.84 -15.84 -0.11
C ILE B 5 16.23 -16.33 0.30
N LYS B 6 17.11 -16.55 -0.67
CA LYS B 6 18.47 -17.00 -0.46
C LYS B 6 19.38 -16.49 -1.55
N VAL B 7 20.71 -16.76 -1.42
CA VAL B 7 21.62 -16.70 -2.55
C VAL B 7 21.10 -17.64 -3.64
N PHE B 8 21.10 -17.20 -4.90
CA PHE B 8 20.65 -18.04 -5.99
C PHE B 8 21.53 -19.30 -6.10
N SER B 9 20.85 -20.45 -6.18
CA SER B 9 21.46 -21.72 -6.53
C SER B 9 20.47 -22.50 -7.40
N PRO B 10 20.86 -22.95 -8.62
CA PRO B 10 19.91 -23.53 -9.54
C PRO B 10 19.33 -24.85 -9.02
N LYS B 11 18.01 -25.03 -9.11
CA LYS B 11 17.39 -26.27 -8.72
C LYS B 11 17.44 -27.30 -9.82
N TYR B 12 17.46 -26.83 -11.06
CA TYR B 12 17.79 -27.67 -12.18
C TYR B 12 18.76 -26.86 -13.06
N PRO B 13 19.56 -27.56 -13.90
CA PRO B 13 20.82 -26.95 -14.40
C PRO B 13 20.67 -25.63 -15.14
N THR B 14 19.64 -25.55 -16.02
CA THR B 14 19.41 -24.40 -16.86
C THR B 14 18.34 -23.44 -16.29
N GLU B 15 17.99 -23.53 -14.99
CA GLU B 15 16.88 -22.79 -14.41
C GLU B 15 17.05 -21.29 -14.59
N LEU B 16 18.25 -20.73 -14.37
CA LEU B 16 18.43 -19.29 -14.49
C LEU B 16 18.21 -18.83 -15.92
N GLU B 17 18.86 -19.50 -16.87
CA GLU B 17 18.69 -19.16 -18.28
C GLU B 17 17.22 -19.16 -18.66
N GLU B 18 16.49 -20.19 -18.21
CA GLU B 18 15.08 -20.33 -18.57
C GLU B 18 14.23 -19.24 -17.91
N PHE B 19 14.44 -18.96 -16.60
CA PHE B 19 13.78 -17.86 -15.91
C PHE B 19 13.98 -16.52 -16.67
N TYR B 20 15.22 -16.25 -17.02
CA TYR B 20 15.58 -14.97 -17.60
C TYR B 20 14.99 -14.84 -19.01
N ALA B 21 15.07 -15.91 -19.78
CA ALA B 21 14.36 -15.99 -21.05
C ALA B 21 12.87 -15.70 -20.88
N GLU B 22 12.20 -16.28 -19.85
CA GLU B 22 10.79 -15.97 -19.61
C GLU B 22 10.56 -14.48 -19.33
N ARG B 23 11.44 -13.81 -18.52
CA ARG B 23 11.30 -12.38 -18.27
C ARG B 23 11.46 -11.57 -19.56
N ILE B 24 12.48 -11.88 -20.39
CA ILE B 24 12.68 -11.17 -21.65
C ILE B 24 11.48 -11.42 -22.57
N ALA B 25 10.91 -12.63 -22.61
CA ALA B 25 9.72 -12.92 -23.40
C ALA B 25 8.47 -12.16 -22.90
N ASP B 26 8.46 -11.66 -21.65
CA ASP B 26 7.30 -11.03 -21.01
C ASP B 26 7.31 -9.53 -21.33
N ASN B 27 6.92 -9.15 -22.56
CA ASN B 27 7.04 -7.75 -23.02
C ASN B 27 5.73 -7.27 -23.66
N PRO B 28 4.57 -7.30 -22.94
CA PRO B 28 3.27 -7.08 -23.61
C PRO B 28 3.04 -5.67 -24.17
N LEU B 29 3.64 -4.66 -23.52
CA LEU B 29 3.62 -3.28 -23.94
C LEU B 29 4.58 -3.04 -25.12
N GLY B 30 5.46 -4.01 -25.45
CA GLY B 30 6.25 -3.93 -26.67
C GLY B 30 7.44 -2.97 -26.56
N PHE B 31 8.05 -2.90 -25.37
CA PHE B 31 9.21 -2.06 -25.14
C PHE B 31 10.44 -2.58 -25.93
N ILE B 32 11.25 -1.63 -26.44
CA ILE B 32 12.56 -2.00 -26.97
C ILE B 32 13.39 -2.67 -25.88
N GLN B 33 14.16 -3.71 -26.23
CA GLN B 33 15.02 -4.47 -25.30
C GLN B 33 16.46 -4.41 -25.84
N ARG B 34 17.42 -4.05 -24.97
CA ARG B 34 18.85 -4.13 -25.26
C ARG B 34 19.30 -5.42 -24.59
N LEU B 35 19.51 -6.49 -25.36
CA LEU B 35 20.06 -7.76 -24.89
C LEU B 35 21.50 -7.81 -25.41
N SER B 40 25.85 -14.05 -21.16
CA SER B 40 24.64 -14.71 -20.59
C SER B 40 24.43 -14.28 -19.14
N ILE B 41 23.21 -14.52 -18.66
CA ILE B 41 22.84 -14.26 -17.29
C ILE B 41 23.77 -15.05 -16.36
N SER B 42 24.01 -16.30 -16.68
CA SER B 42 24.78 -17.19 -15.79
C SER B 42 26.23 -16.72 -15.72
N GLY B 43 26.78 -16.26 -16.85
CA GLY B 43 28.10 -15.67 -16.87
C GLY B 43 28.14 -14.36 -16.11
N PHE B 44 27.09 -13.53 -16.28
CA PHE B 44 26.99 -12.28 -15.52
C PHE B 44 27.04 -12.58 -14.02
N VAL B 45 26.21 -13.54 -13.57
CA VAL B 45 26.18 -13.89 -12.16
C VAL B 45 27.57 -14.24 -11.66
N GLN B 46 28.24 -15.13 -12.43
CA GLN B 46 29.56 -15.60 -12.05
C GLN B 46 30.55 -14.43 -11.93
N LYS B 47 30.51 -13.48 -12.88
CA LYS B 47 31.41 -12.32 -12.87
C LYS B 47 31.07 -11.40 -11.68
N LEU B 48 29.78 -11.26 -11.39
CA LEU B 48 29.30 -10.48 -10.25
C LEU B 48 29.86 -11.04 -8.92
N ARG B 49 29.79 -12.37 -8.77
CA ARG B 49 30.35 -13.00 -7.57
C ARG B 49 31.87 -12.84 -7.48
N GLU B 50 32.55 -13.00 -8.60
CA GLU B 50 33.99 -12.82 -8.68
C GLU B 50 34.44 -11.39 -8.36
N HIS B 51 33.59 -10.37 -8.63
CA HIS B 51 33.83 -8.98 -8.28
C HIS B 51 33.43 -8.68 -6.82
N GLY B 52 32.97 -9.66 -6.04
CA GLY B 52 32.55 -9.43 -4.67
C GLY B 52 31.04 -9.23 -4.49
N GLY B 53 30.23 -9.24 -5.55
CA GLY B 53 28.78 -9.13 -5.41
C GLY B 53 28.12 -10.47 -5.10
N GLU B 54 26.78 -10.42 -5.19
CA GLU B 54 25.92 -11.51 -4.79
C GLU B 54 24.62 -11.45 -5.56
N PHE B 55 24.13 -12.65 -5.81
CA PHE B 55 22.94 -12.85 -6.62
C PHE B 55 21.95 -13.68 -5.83
N PHE B 56 20.73 -13.20 -5.73
CA PHE B 56 19.69 -13.75 -4.88
C PHE B 56 18.49 -14.29 -5.67
N GLU B 57 17.80 -15.24 -5.01
CA GLU B 57 16.61 -15.90 -5.48
C GLU B 57 15.49 -15.62 -4.51
N MET B 58 14.29 -15.59 -5.08
CA MET B 58 13.10 -15.74 -4.29
C MET B 58 12.32 -16.91 -4.87
N ARG B 59 11.89 -17.83 -4.00
CA ARG B 59 11.13 -18.97 -4.46
C ARG B 59 9.80 -19.08 -3.74
N GLU B 60 8.81 -19.59 -4.48
CA GLU B 60 7.52 -19.97 -3.94
C GLU B 60 7.53 -21.49 -3.96
N GLY B 61 7.58 -22.09 -2.78
CA GLY B 61 7.94 -23.51 -2.69
C GLY B 61 9.30 -23.72 -3.37
N ASN B 62 9.39 -24.56 -4.40
CA ASN B 62 10.65 -24.75 -5.14
C ASN B 62 10.71 -23.91 -6.42
N LYS B 63 9.71 -23.05 -6.67
CA LYS B 63 9.61 -22.38 -7.97
C LYS B 63 10.35 -21.05 -7.86
N LEU B 64 11.29 -20.80 -8.77
CA LEU B 64 11.97 -19.53 -8.87
C LEU B 64 10.99 -18.47 -9.37
N ILE B 65 10.72 -17.45 -8.55
CA ILE B 65 9.77 -16.40 -8.95
C ILE B 65 10.43 -15.00 -9.01
N GLY B 66 11.62 -14.82 -8.41
CA GLY B 66 12.32 -13.55 -8.47
C GLY B 66 13.84 -13.76 -8.39
N ILE B 67 14.55 -12.79 -8.94
CA ILE B 67 16.00 -12.70 -8.85
C ILE B 67 16.42 -11.24 -8.65
N CYS B 68 17.62 -11.06 -8.13
N CYS B 68 17.57 -11.05 -8.07
CA CYS B 68 18.16 -9.76 -7.76
CA CYS B 68 18.24 -9.76 -8.15
C CYS B 68 19.67 -9.87 -7.60
C CYS B 68 19.68 -9.88 -7.68
N GLY B 69 20.44 -8.87 -8.06
CA GLY B 69 21.87 -8.82 -7.78
C GLY B 69 22.26 -7.58 -6.99
N LEU B 70 23.39 -7.69 -6.29
CA LEU B 70 24.04 -6.59 -5.56
C LEU B 70 25.47 -6.49 -6.06
N ASN B 71 25.84 -5.34 -6.63
CA ASN B 71 27.18 -5.15 -7.17
C ASN B 71 27.92 -4.06 -6.37
N PRO B 72 29.04 -4.34 -5.70
CA PRO B 72 29.79 -3.29 -5.00
C PRO B 72 30.25 -2.20 -5.95
N ILE B 73 29.86 -0.95 -5.63
CA ILE B 73 30.42 0.27 -6.23
C ILE B 73 31.68 0.68 -5.46
N ASN B 74 31.62 0.69 -4.12
CA ASN B 74 32.78 0.98 -3.28
C ASN B 74 32.53 0.30 -1.94
N GLN B 75 33.27 0.75 -0.91
CA GLN B 75 33.23 0.23 0.44
C GLN B 75 31.83 0.32 1.03
N THR B 76 31.09 1.40 0.72
CA THR B 76 29.80 1.60 1.36
C THR B 76 28.60 1.65 0.45
N GLU B 77 28.78 1.55 -0.88
CA GLU B 77 27.68 1.64 -1.81
C GLU B 77 27.62 0.34 -2.62
N ALA B 78 26.43 -0.20 -2.73
CA ALA B 78 26.17 -1.31 -3.64
C ALA B 78 25.07 -0.92 -4.64
N GLU B 79 25.13 -1.53 -5.83
CA GLU B 79 24.15 -1.25 -6.88
C GLU B 79 23.22 -2.45 -6.98
N LEU B 80 21.92 -2.20 -6.91
CA LEU B 80 20.89 -3.21 -7.20
C LEU B 80 20.85 -3.43 -8.71
N CYS B 81 20.94 -4.68 -9.20
CA CYS B 81 20.93 -4.97 -10.63
C CYS B 81 20.19 -6.28 -10.92
N LYS B 82 19.74 -6.43 -12.16
CA LYS B 82 19.09 -7.64 -12.64
C LYS B 82 17.90 -7.98 -11.75
N PHE B 83 17.15 -6.94 -11.29
CA PHE B 83 16.00 -7.15 -10.44
C PHE B 83 14.81 -7.55 -11.32
N HIS B 84 14.30 -8.77 -11.17
CA HIS B 84 13.25 -9.26 -12.05
C HIS B 84 12.32 -10.18 -11.27
N ILE B 85 11.02 -9.86 -11.29
CA ILE B 85 10.01 -10.69 -10.66
C ILE B 85 9.13 -11.24 -11.77
N ASN B 86 8.70 -12.50 -11.67
CA ASN B 86 7.68 -13.07 -12.57
C ASN B 86 6.40 -12.24 -12.37
N SER B 87 5.87 -11.70 -13.47
CA SER B 87 4.90 -10.61 -13.38
C SER B 87 3.60 -11.09 -12.81
N ALA B 88 3.26 -12.40 -12.90
CA ALA B 88 2.13 -12.98 -12.18
C ALA B 88 2.20 -12.81 -10.65
N TYR B 89 3.37 -12.48 -10.06
CA TYR B 89 3.53 -12.26 -8.62
C TYR B 89 3.64 -10.79 -8.24
N GLN B 90 3.33 -9.89 -9.18
CA GLN B 90 3.44 -8.45 -8.99
C GLN B 90 2.25 -7.92 -8.18
N SER B 91 1.05 -8.49 -8.30
CA SER B 91 -0.09 -8.07 -7.49
C SER B 91 0.14 -8.24 -5.99
N GLN B 92 0.91 -9.29 -5.61
CA GLN B 92 1.12 -9.65 -4.22
C GLN B 92 2.27 -8.85 -3.57
N GLY B 93 3.02 -8.03 -4.33
CA GLY B 93 4.09 -7.23 -3.76
C GLY B 93 5.30 -8.06 -3.30
N LEU B 94 5.53 -9.23 -3.92
CA LEU B 94 6.61 -10.13 -3.54
C LEU B 94 7.96 -9.56 -3.97
N GLY B 95 7.97 -8.68 -4.97
CA GLY B 95 9.16 -7.91 -5.29
C GLY B 95 9.69 -7.22 -4.04
N GLN B 96 8.78 -6.70 -3.20
CA GLN B 96 9.14 -5.97 -2.01
C GLN B 96 9.79 -6.90 -0.98
N LYS B 97 9.27 -8.13 -0.79
CA LYS B 97 9.86 -9.10 0.12
C LYS B 97 11.29 -9.44 -0.36
N LEU B 98 11.48 -9.67 -1.67
CA LEU B 98 12.83 -10.01 -2.15
C LEU B 98 13.77 -8.83 -1.84
N TYR B 99 13.35 -7.61 -2.15
CA TYR B 99 14.17 -6.45 -1.90
C TYR B 99 14.48 -6.26 -0.39
N GLU B 100 13.50 -6.40 0.52
CA GLU B 100 13.73 -6.18 1.92
C GLU B 100 14.80 -7.17 2.46
N SER B 101 14.78 -8.45 2.03
CA SER B 101 15.80 -9.42 2.42
C SER B 101 17.19 -9.06 1.86
N VAL B 102 17.25 -8.61 0.63
CA VAL B 102 18.47 -8.14 0.00
C VAL B 102 19.05 -6.91 0.68
N GLU B 103 18.15 -6.00 1.11
CA GLU B 103 18.54 -4.79 1.78
C GLU B 103 19.15 -5.15 3.14
N LYS B 104 18.50 -6.02 3.90
CA LYS B 104 19.05 -6.44 5.20
C LYS B 104 20.44 -7.08 5.00
N TYR B 105 20.57 -7.99 4.03
CA TYR B 105 21.88 -8.55 3.66
C TYR B 105 22.92 -7.45 3.41
N ALA B 106 22.53 -6.39 2.64
CA ALA B 106 23.50 -5.39 2.23
C ALA B 106 23.99 -4.63 3.47
N PHE B 107 23.03 -4.33 4.35
CA PHE B 107 23.27 -3.66 5.59
C PHE B 107 24.26 -4.44 6.48
N ILE B 108 24.00 -5.72 6.68
CA ILE B 108 24.89 -6.65 7.39
C ILE B 108 26.31 -6.66 6.79
N LYS B 109 26.40 -6.54 5.45
CA LYS B 109 27.68 -6.54 4.75
C LYS B 109 28.40 -5.20 4.85
N GLY B 110 27.80 -4.15 5.42
CA GLY B 110 28.51 -2.90 5.68
C GLY B 110 28.08 -1.76 4.73
N TYR B 111 27.19 -2.04 3.78
CA TYR B 111 26.76 -1.02 2.87
C TYR B 111 25.78 -0.08 3.55
N THR B 112 25.93 1.21 3.25
CA THR B 112 25.05 2.25 3.75
C THR B 112 24.32 2.96 2.62
N LYS B 113 24.58 2.58 1.39
CA LYS B 113 23.82 3.16 0.28
C LYS B 113 23.56 2.11 -0.80
N ILE B 114 22.32 2.07 -1.34
CA ILE B 114 22.01 1.22 -2.52
C ILE B 114 21.56 2.14 -3.65
N SER B 115 22.28 2.08 -4.77
CA SER B 115 21.93 2.85 -5.94
C SER B 115 21.30 1.91 -7.01
N LEU B 116 20.54 2.51 -7.96
CA LEU B 116 20.12 1.79 -9.13
C LEU B 116 19.82 2.77 -10.26
N HIS B 117 19.68 2.19 -11.45
CA HIS B 117 19.26 2.98 -12.61
C HIS B 117 18.28 2.13 -13.38
N VAL B 118 17.28 2.80 -13.95
CA VAL B 118 16.19 2.07 -14.58
C VAL B 118 15.73 2.88 -15.77
N SER B 119 15.37 2.13 -16.82
CA SER B 119 14.80 2.77 -17.99
C SER B 119 13.55 3.57 -17.60
N LYS B 120 13.45 4.78 -18.11
CA LYS B 120 12.34 5.67 -17.81
C LYS B 120 11.02 5.12 -18.36
N SER B 121 11.08 4.28 -19.40
CA SER B 121 9.89 3.59 -19.87
C SER B 121 9.28 2.61 -18.90
N GLN B 122 10.04 2.10 -17.90
CA GLN B 122 9.60 1.02 -17.05
C GLN B 122 8.82 1.59 -15.85
N ILE B 123 7.60 2.06 -16.08
CA ILE B 123 6.80 2.72 -15.03
C ILE B 123 6.55 1.79 -13.82
N LYS B 124 6.20 0.53 -14.06
CA LYS B 124 5.87 -0.40 -12.98
C LYS B 124 7.11 -0.61 -12.11
N ALA B 125 8.28 -0.74 -12.73
CA ALA B 125 9.52 -0.91 -11.97
C ALA B 125 9.84 0.34 -11.16
N CYS B 126 9.80 1.54 -11.80
N CYS B 126 9.83 1.53 -11.80
CA CYS B 126 10.01 2.81 -11.12
CA CYS B 126 9.99 2.81 -11.13
C CYS B 126 9.07 2.93 -9.91
C CYS B 126 9.08 2.92 -9.91
N ASN B 127 7.79 2.56 -10.08
CA ASN B 127 6.80 2.71 -9.02
C ASN B 127 7.12 1.77 -7.83
N LEU B 128 7.54 0.53 -8.10
CA LEU B 128 8.02 -0.36 -7.05
C LEU B 128 9.23 0.24 -6.30
N TYR B 129 10.23 0.75 -7.03
CA TYR B 129 11.46 1.22 -6.39
C TYR B 129 11.14 2.38 -5.45
N GLN B 130 10.33 3.33 -5.91
CA GLN B 130 9.74 4.36 -5.04
C GLN B 130 9.14 3.75 -3.77
N LYS B 131 8.26 2.78 -3.96
CA LYS B 131 7.56 2.12 -2.88
C LYS B 131 8.57 1.49 -1.91
N LEU B 132 9.72 0.99 -2.42
CA LEU B 132 10.73 0.40 -1.57
C LEU B 132 11.56 1.44 -0.80
N GLY B 133 11.44 2.70 -1.15
CA GLY B 133 12.17 3.76 -0.47
C GLY B 133 13.30 4.33 -1.33
N PHE B 134 13.38 3.99 -2.62
CA PHE B 134 14.34 4.71 -3.46
C PHE B 134 13.81 6.09 -3.78
N VAL B 135 14.72 7.06 -3.82
CA VAL B 135 14.43 8.44 -4.16
C VAL B 135 15.06 8.72 -5.52
N HIS B 136 14.36 9.49 -6.38
CA HIS B 136 14.87 10.00 -7.64
C HIS B 136 16.01 11.00 -7.39
N ILE B 137 17.19 10.77 -7.99
CA ILE B 137 18.35 11.65 -7.91
C ILE B 137 18.48 12.44 -9.21
N LYS B 138 18.35 11.82 -10.39
CA LYS B 138 18.51 12.54 -11.64
C LYS B 138 18.10 11.61 -12.77
N GLU B 139 17.73 12.19 -13.91
CA GLU B 139 17.48 11.56 -15.20
C GLU B 139 18.62 11.97 -16.14
N GLU B 140 19.01 11.06 -17.04
CA GLU B 140 19.97 11.32 -18.11
C GLU B 140 19.47 10.56 -19.34
N ASP B 141 19.51 11.17 -20.52
CA ASP B 141 19.28 10.44 -21.77
C ASP B 141 20.65 9.88 -22.17
N CYS B 142 20.95 8.61 -21.82
CA CYS B 142 22.26 8.03 -22.03
C CYS B 142 22.49 7.75 -23.52
N VAL B 143 23.50 8.39 -24.13
CA VAL B 143 23.93 8.13 -25.50
C VAL B 143 24.89 6.93 -25.53
N VAL B 144 24.71 6.01 -26.50
CA VAL B 144 25.62 4.89 -26.74
C VAL B 144 25.85 4.74 -28.26
N ILE B 152 19.98 6.12 -27.67
CA ILE B 152 19.39 6.97 -26.57
C ILE B 152 18.51 6.11 -25.65
N PHE B 153 19.01 5.88 -24.42
CA PHE B 153 18.33 5.19 -23.34
C PHE B 153 17.96 6.16 -22.21
N PRO B 154 16.77 6.83 -22.23
CA PRO B 154 16.34 7.65 -21.10
C PRO B 154 16.31 6.79 -19.81
N THR B 155 17.07 7.26 -18.83
CA THR B 155 17.40 6.52 -17.63
C THR B 155 17.19 7.37 -16.37
N LEU B 156 16.60 6.72 -15.35
CA LEU B 156 16.29 7.30 -14.07
C LEU B 156 17.30 6.72 -13.09
N PHE B 157 18.02 7.58 -12.33
CA PHE B 157 18.94 7.14 -11.30
C PHE B 157 18.30 7.44 -9.94
N MET B 158 18.45 6.50 -9.01
CA MET B 158 17.68 6.48 -7.79
C MET B 158 18.62 5.94 -6.71
N GLU B 159 18.38 6.34 -5.47
CA GLU B 159 19.16 5.79 -4.36
C GLU B 159 18.30 5.66 -3.11
N LYS B 160 18.86 4.90 -2.16
CA LYS B 160 18.33 4.74 -0.83
C LYS B 160 19.53 4.71 0.09
N ILE B 161 19.58 5.60 1.08
CA ILE B 161 20.56 5.50 2.16
C ILE B 161 19.99 4.57 3.22
N LEU B 162 20.84 3.67 3.76
CA LEU B 162 20.45 2.66 4.74
C LEU B 162 20.83 3.09 6.17
N SER B 163 22.00 3.75 6.31
CA SER B 163 22.51 4.37 7.56
C SER B 163 23.88 3.78 7.90
N SER C 1 17.75 5.04 14.22
CA SER C 1 16.95 4.91 12.98
C SER C 1 17.46 5.90 11.93
N MET C 2 17.23 5.62 10.62
CA MET C 2 17.44 6.64 9.57
C MET C 2 16.36 7.74 9.64
N VAL C 3 15.06 7.38 9.54
CA VAL C 3 14.01 8.41 9.60
C VAL C 3 13.63 8.68 11.07
N THR C 4 13.66 9.98 11.46
CA THR C 4 13.45 10.43 12.83
C THR C 4 12.28 11.42 12.87
N ILE C 5 11.37 11.24 13.83
CA ILE C 5 10.29 12.18 14.08
C ILE C 5 10.38 12.75 15.51
N LYS C 6 10.30 14.06 15.65
CA LYS C 6 10.45 14.77 16.92
C LYS C 6 9.75 16.11 16.80
N VAL C 7 9.76 16.88 17.88
CA VAL C 7 9.33 18.28 17.83
CA VAL C 7 9.30 18.27 17.79
C VAL C 7 10.28 18.99 16.86
N PHE C 8 9.73 19.88 15.99
CA PHE C 8 10.56 20.65 15.10
C PHE C 8 11.57 21.54 15.88
N SER C 9 12.82 21.46 15.44
CA SER C 9 13.88 22.38 15.79
C SER C 9 14.73 22.69 14.54
N PRO C 10 14.93 23.97 14.18
CA PRO C 10 15.64 24.33 12.95
C PRO C 10 17.11 23.96 13.00
N LYS C 11 17.62 23.34 11.94
CA LYS C 11 19.05 23.08 11.87
C LYS C 11 19.80 24.35 11.45
N TYR C 12 19.16 25.32 10.82
CA TYR C 12 19.78 26.53 10.33
C TYR C 12 18.61 27.54 10.21
N PRO C 13 18.92 28.87 10.26
CA PRO C 13 17.90 29.91 10.49
C PRO C 13 16.69 29.85 9.56
N THR C 14 16.90 29.62 8.26
CA THR C 14 15.84 29.65 7.26
C THR C 14 15.35 28.26 6.86
N GLU C 15 15.66 27.21 7.61
CA GLU C 15 15.31 25.84 7.22
C GLU C 15 13.80 25.66 7.02
N LEU C 16 12.99 26.13 8.00
CA LEU C 16 11.55 25.94 7.93
C LEU C 16 10.97 26.73 6.76
N GLU C 17 11.36 27.99 6.67
CA GLU C 17 10.92 28.91 5.63
C GLU C 17 11.24 28.32 4.27
N GLU C 18 12.44 27.76 4.10
CA GLU C 18 12.83 27.12 2.84
C GLU C 18 11.97 25.91 2.49
N PHE C 19 11.84 25.01 3.42
CA PHE C 19 11.02 23.80 3.29
C PHE C 19 9.58 24.18 2.89
N TYR C 20 9.02 25.16 3.60
CA TYR C 20 7.65 25.56 3.34
C TYR C 20 7.48 26.22 1.98
N ALA C 21 8.44 27.10 1.62
CA ALA C 21 8.47 27.66 0.29
C ALA C 21 8.56 26.56 -0.79
N GLU C 22 9.37 25.49 -0.57
CA GLU C 22 9.46 24.42 -1.53
C GLU C 22 8.11 23.71 -1.68
N ARG C 23 7.38 23.49 -0.56
CA ARG C 23 6.05 22.87 -0.65
C ARG C 23 5.09 23.77 -1.44
N ILE C 24 5.07 25.07 -1.19
CA ILE C 24 4.20 26.01 -1.88
C ILE C 24 4.57 26.08 -3.37
N ALA C 25 5.87 26.01 -3.70
CA ALA C 25 6.32 25.97 -5.08
C ALA C 25 5.91 24.67 -5.81
N ASP C 26 5.56 23.60 -5.06
CA ASP C 26 5.34 22.26 -5.62
C ASP C 26 3.88 22.19 -6.06
N ASN C 27 3.55 22.79 -7.21
CA ASN C 27 2.16 23.00 -7.64
C ASN C 27 2.00 22.61 -9.09
N PRO C 28 2.29 21.35 -9.53
CA PRO C 28 2.34 21.08 -10.97
C PRO C 28 1.01 21.13 -11.71
N LEU C 29 -0.09 20.86 -11.00
CA LEU C 29 -1.45 20.98 -11.55
C LEU C 29 -1.92 22.44 -11.60
N GLY C 30 -1.19 23.38 -10.96
CA GLY C 30 -1.47 24.80 -11.08
C GLY C 30 -2.70 25.22 -10.25
N PHE C 31 -2.88 24.61 -9.09
CA PHE C 31 -3.92 25.00 -8.16
C PHE C 31 -3.72 26.42 -7.58
N ILE C 32 -4.81 27.21 -7.46
CA ILE C 32 -4.83 28.42 -6.65
C ILE C 32 -4.39 28.09 -5.22
N GLN C 33 -3.59 28.99 -4.62
CA GLN C 33 -3.02 28.82 -3.28
C GLN C 33 -3.41 30.05 -2.43
N PRO C 39 0.75 35.61 10.29
CA PRO C 39 2.18 35.32 10.44
C PRO C 39 2.84 34.44 9.39
N SER C 40 4.18 34.51 9.34
CA SER C 40 5.08 33.60 8.62
C SER C 40 4.89 32.17 9.12
N ILE C 41 5.48 31.14 8.45
CA ILE C 41 5.43 29.78 8.98
C ILE C 41 6.04 29.73 10.40
N SER C 42 7.18 30.39 10.58
CA SER C 42 7.84 30.37 11.88
C SER C 42 7.02 31.03 12.97
N GLY C 43 6.38 32.14 12.64
CA GLY C 43 5.49 32.82 13.55
C GLY C 43 4.26 31.94 13.84
N PHE C 44 3.75 31.23 12.82
CA PHE C 44 2.64 30.31 13.01
C PHE C 44 2.99 29.28 14.05
N VAL C 45 4.18 28.65 13.86
CA VAL C 45 4.61 27.66 14.78
C VAL C 45 4.67 28.20 16.20
N GLN C 46 5.33 29.37 16.36
CA GLN C 46 5.40 30.00 17.66
C GLN C 46 4.00 30.18 18.29
N LYS C 47 3.05 30.68 17.54
CA LYS C 47 1.70 30.94 18.09
C LYS C 47 0.97 29.62 18.39
N LEU C 48 1.25 28.57 17.60
CA LEU C 48 0.69 27.25 17.82
C LEU C 48 1.14 26.69 19.17
N ARG C 49 2.44 26.84 19.44
CA ARG C 49 3.00 26.37 20.68
C ARG C 49 2.49 27.18 21.87
N GLU C 50 2.36 28.53 21.71
CA GLU C 50 1.83 29.40 22.76
C GLU C 50 0.40 28.97 23.14
N HIS C 51 -0.39 28.51 22.17
CA HIS C 51 -1.77 28.05 22.40
C HIS C 51 -1.84 26.62 22.92
N GLY C 52 -0.69 25.97 23.17
CA GLY C 52 -0.65 24.63 23.72
C GLY C 52 -0.50 23.56 22.65
N GLY C 53 -0.33 23.94 21.39
CA GLY C 53 -0.12 22.98 20.34
C GLY C 53 1.33 22.57 20.21
N GLU C 54 1.60 21.88 19.10
CA GLU C 54 2.93 21.34 18.86
C GLU C 54 3.17 21.17 17.38
N PHE C 55 4.45 21.31 17.03
CA PHE C 55 4.92 21.29 15.66
C PHE C 55 6.02 20.25 15.55
N PHE C 56 5.88 19.35 14.57
CA PHE C 56 6.75 18.20 14.41
C PHE C 56 7.52 18.23 13.10
N GLU C 57 8.65 17.55 13.13
CA GLU C 57 9.55 17.33 12.01
C GLU C 57 9.65 15.84 11.81
N MET C 58 9.90 15.47 10.55
CA MET C 58 10.45 14.22 10.19
C MET C 58 11.75 14.49 9.42
N ARG C 59 12.78 13.73 9.73
CA ARG C 59 14.06 13.92 9.10
C ARG C 59 14.55 12.59 8.56
N GLU C 60 15.32 12.63 7.45
CA GLU C 60 16.12 11.46 7.04
C GLU C 60 17.57 11.82 7.32
N GLY C 61 18.11 11.21 8.38
CA GLY C 61 19.34 11.67 8.99
C GLY C 61 19.15 13.13 9.36
N ASN C 62 19.90 14.07 8.77
CA ASN C 62 19.77 15.47 9.13
C ASN C 62 18.82 16.25 8.23
N LYS C 63 18.25 15.61 7.18
CA LYS C 63 17.50 16.30 6.17
C LYS C 63 16.03 16.43 6.59
N LEU C 64 15.47 17.64 6.61
CA LEU C 64 14.08 17.82 6.87
C LEU C 64 13.24 17.38 5.68
N ILE C 65 12.37 16.35 5.88
CA ILE C 65 11.57 15.82 4.78
C ILE C 65 10.06 15.95 5.05
N GLY C 66 9.63 16.26 6.27
CA GLY C 66 8.24 16.51 6.56
C GLY C 66 8.01 17.29 7.81
N ILE C 67 6.83 17.89 7.88
CA ILE C 67 6.41 18.72 9.00
C ILE C 67 4.93 18.47 9.23
N CYS C 68 4.47 18.72 10.43
CA CYS C 68 3.07 18.58 10.82
CA CYS C 68 3.04 18.90 10.66
C CYS C 68 2.82 19.43 12.07
N GLY C 69 1.63 20.01 12.23
CA GLY C 69 1.21 20.59 13.47
C GLY C 69 -0.03 19.94 14.09
N LEU C 70 -0.16 20.07 15.41
CA LEU C 70 -1.35 19.71 16.19
C LEU C 70 -1.80 20.93 16.97
N ASN C 71 -3.04 21.32 16.79
CA ASN C 71 -3.59 22.51 17.40
C ASN C 71 -4.78 22.11 18.27
N PRO C 72 -4.77 22.34 19.59
CA PRO C 72 -5.92 21.98 20.42
C PRO C 72 -7.17 22.74 19.98
N ILE C 73 -8.26 22.01 19.78
CA ILE C 73 -9.60 22.53 19.67
C ILE C 73 -10.23 22.61 21.07
N ASN C 74 -10.09 21.55 21.90
CA ASN C 74 -10.66 21.51 23.25
C ASN C 74 -9.88 20.43 24.03
N GLN C 75 -10.44 19.93 25.13
CA GLN C 75 -9.80 18.96 26.01
C GLN C 75 -9.52 17.65 25.29
N THR C 76 -10.40 17.24 24.36
CA THR C 76 -10.27 15.93 23.74
C THR C 76 -10.04 15.93 22.23
N GLU C 77 -10.09 17.10 21.56
CA GLU C 77 -9.94 17.18 20.12
C GLU C 77 -8.75 18.08 19.75
N ALA C 78 -7.89 17.58 18.84
CA ALA C 78 -6.77 18.34 18.29
C ALA C 78 -6.93 18.40 16.76
N GLU C 79 -6.49 19.50 16.13
CA GLU C 79 -6.57 19.66 14.69
C GLU C 79 -5.18 19.46 14.09
N LEU C 80 -5.12 18.63 13.06
CA LEU C 80 -3.95 18.42 12.25
C LEU C 80 -3.80 19.59 11.28
N CYS C 81 -2.65 20.30 11.25
CA CYS C 81 -2.44 21.43 10.35
C CYS C 81 -1.01 21.45 9.80
N LYS C 82 -0.84 22.14 8.68
CA LYS C 82 0.49 22.33 8.09
C LYS C 82 1.21 21.00 7.87
N PHE C 83 0.45 19.96 7.46
CA PHE C 83 0.96 18.66 7.17
C PHE C 83 1.57 18.70 5.76
N HIS C 84 2.90 18.48 5.64
CA HIS C 84 3.58 18.65 4.36
C HIS C 84 4.75 17.68 4.30
N ILE C 85 4.81 16.86 3.25
CA ILE C 85 5.92 15.98 2.95
C ILE C 85 6.59 16.45 1.67
N ASN C 86 7.94 16.40 1.63
CA ASN C 86 8.69 16.68 0.41
C ASN C 86 8.25 15.70 -0.66
N SER C 87 7.90 16.21 -1.86
CA SER C 87 7.26 15.33 -2.82
C SER C 87 8.14 14.18 -3.28
N ALA C 88 9.47 14.36 -3.25
CA ALA C 88 10.39 13.28 -3.61
C ALA C 88 10.29 12.10 -2.62
N TYR C 89 9.72 12.29 -1.43
CA TYR C 89 9.58 11.25 -0.40
C TYR C 89 8.15 10.74 -0.26
N GLN C 90 7.26 11.11 -1.20
CA GLN C 90 5.81 10.99 -1.01
C GLN C 90 5.26 9.60 -1.38
N SER C 91 6.02 8.78 -2.10
CA SER C 91 5.54 7.51 -2.60
C SER C 91 6.01 6.30 -1.76
N GLN C 92 6.54 6.51 -0.53
CA GLN C 92 7.14 5.42 0.24
C GLN C 92 6.64 5.31 1.67
N GLY C 93 5.43 5.79 1.93
CA GLY C 93 4.80 5.55 3.22
C GLY C 93 5.29 6.46 4.34
N LEU C 94 6.12 7.49 4.09
CA LEU C 94 6.68 8.33 5.14
C LEU C 94 5.68 9.36 5.64
N GLY C 95 4.75 9.79 4.80
CA GLY C 95 3.66 10.63 5.29
C GLY C 95 2.93 9.92 6.45
N GLN C 96 2.78 8.61 6.27
CA GLN C 96 2.10 7.76 7.21
C GLN C 96 2.89 7.63 8.50
N LYS C 97 4.23 7.47 8.40
CA LYS C 97 5.09 7.38 9.55
C LYS C 97 5.01 8.67 10.37
N LEU C 98 5.04 9.83 9.73
CA LEU C 98 4.97 11.06 10.48
C LEU C 98 3.61 11.16 11.19
N TYR C 99 2.50 10.99 10.43
CA TYR C 99 1.18 11.02 11.03
C TYR C 99 1.07 10.05 12.20
N GLU C 100 1.55 8.80 12.06
CA GLU C 100 1.40 7.80 13.12
C GLU C 100 2.12 8.21 14.39
N SER C 101 3.32 8.81 14.30
CA SER C 101 4.03 9.30 15.47
C SER C 101 3.25 10.45 16.13
N VAL C 102 2.73 11.39 15.31
CA VAL C 102 1.99 12.52 15.83
C VAL C 102 0.69 12.07 16.50
N GLU C 103 0.03 11.07 15.92
CA GLU C 103 -1.18 10.53 16.48
C GLU C 103 -0.90 9.88 17.83
N LYS C 104 0.15 9.06 17.94
CA LYS C 104 0.45 8.44 19.21
C LYS C 104 0.76 9.50 20.28
N TYR C 105 1.48 10.55 19.91
CA TYR C 105 1.75 11.67 20.81
C TYR C 105 0.44 12.30 21.28
N ALA C 106 -0.50 12.53 20.38
CA ALA C 106 -1.75 13.18 20.69
C ALA C 106 -2.54 12.33 21.67
N PHE C 107 -2.53 10.99 21.40
CA PHE C 107 -3.24 10.03 22.18
C PHE C 107 -2.71 10.04 23.61
N ILE C 108 -1.39 9.99 23.76
CA ILE C 108 -0.72 10.05 25.07
C ILE C 108 -1.08 11.33 25.83
N LYS C 109 -1.23 12.46 25.07
CA LYS C 109 -1.58 13.75 25.63
C LYS C 109 -3.03 13.82 26.06
N GLY C 110 -3.92 12.85 25.73
CA GLY C 110 -5.29 12.82 26.24
C GLY C 110 -6.30 13.16 25.15
N TYR C 111 -5.85 13.33 23.91
CA TYR C 111 -6.78 13.58 22.81
C TYR C 111 -7.38 12.28 22.34
N THR C 112 -8.66 12.31 22.05
CA THR C 112 -9.38 11.17 21.52
C THR C 112 -9.98 11.42 20.14
N LYS C 113 -9.80 12.64 19.63
CA LYS C 113 -10.26 12.95 18.28
C LYS C 113 -9.19 13.84 17.61
N ILE C 114 -8.89 13.55 16.34
CA ILE C 114 -8.10 14.48 15.50
C ILE C 114 -8.95 14.90 14.30
N SER C 115 -9.14 16.23 14.14
CA SER C 115 -9.92 16.77 13.03
C SER C 115 -8.96 17.47 12.05
N LEU C 116 -9.44 17.68 10.81
CA LEU C 116 -8.72 18.47 9.83
C LEU C 116 -9.71 18.99 8.80
N HIS C 117 -9.24 19.95 8.03
CA HIS C 117 -9.98 20.38 6.83
C HIS C 117 -8.95 20.55 5.70
N VAL C 118 -9.40 20.21 4.48
CA VAL C 118 -8.51 20.24 3.35
C VAL C 118 -9.28 20.72 2.14
N SER C 119 -8.58 21.49 1.31
CA SER C 119 -9.14 21.89 0.01
C SER C 119 -9.51 20.66 -0.80
N LYS C 120 -10.69 20.74 -1.42
CA LYS C 120 -11.22 19.62 -2.18
C LYS C 120 -10.39 19.40 -3.45
N SER C 121 -9.72 20.43 -3.96
CA SER C 121 -8.84 20.26 -5.10
C SER C 121 -7.61 19.40 -4.83
N GLN C 122 -7.25 19.17 -3.55
CA GLN C 122 -6.01 18.51 -3.19
C GLN C 122 -6.23 17.00 -3.11
N ILE C 123 -6.24 16.35 -4.26
CA ILE C 123 -6.57 14.92 -4.38
C ILE C 123 -5.60 14.06 -3.56
N LYS C 124 -4.29 14.31 -3.76
CA LYS C 124 -3.21 13.54 -3.19
C LYS C 124 -3.35 13.59 -1.67
N ALA C 125 -3.55 14.79 -1.14
CA ALA C 125 -3.66 14.98 0.30
C ALA C 125 -4.91 14.27 0.86
N CYS C 126 -6.08 14.46 0.25
CA CYS C 126 -7.30 13.79 0.66
CA CYS C 126 -7.31 13.80 0.64
C CYS C 126 -7.11 12.27 0.66
N ASN C 127 -6.43 11.74 -0.37
CA ASN C 127 -6.23 10.30 -0.46
C ASN C 127 -5.32 9.78 0.66
N LEU C 128 -4.26 10.53 1.01
CA LEU C 128 -3.45 10.18 2.18
C LEU C 128 -4.31 10.12 3.45
N TYR C 129 -5.10 11.16 3.70
CA TYR C 129 -5.86 11.29 4.95
C TYR C 129 -6.83 10.12 5.11
N GLN C 130 -7.54 9.76 4.03
CA GLN C 130 -8.35 8.54 3.98
C GLN C 130 -7.52 7.32 4.36
N LYS C 131 -6.36 7.18 3.73
CA LYS C 131 -5.44 6.07 4.00
C LYS C 131 -5.04 6.05 5.47
N LEU C 132 -4.86 7.24 6.11
CA LEU C 132 -4.47 7.28 7.52
C LEU C 132 -5.65 6.99 8.47
N GLY C 133 -6.88 6.96 7.94
CA GLY C 133 -8.03 6.58 8.73
C GLY C 133 -8.98 7.73 9.00
N PHE C 134 -8.75 8.90 8.38
CA PHE C 134 -9.72 9.96 8.53
C PHE C 134 -10.99 9.62 7.79
N VAL C 135 -12.14 10.00 8.41
CA VAL C 135 -13.45 9.77 7.83
C VAL C 135 -13.99 11.13 7.35
N HIS C 136 -14.63 11.16 6.16
CA HIS C 136 -15.35 12.34 5.68
C HIS C 136 -16.55 12.68 6.57
N ILE C 137 -16.63 13.90 7.11
CA ILE C 137 -17.76 14.35 7.93
C ILE C 137 -18.70 15.23 7.12
N LYS C 138 -18.20 16.17 6.33
CA LYS C 138 -19.05 17.04 5.51
C LYS C 138 -18.12 17.82 4.59
N GLU C 139 -18.66 18.32 3.48
CA GLU C 139 -18.03 19.29 2.58
C GLU C 139 -18.80 20.60 2.73
N GLU C 140 -18.10 21.73 2.72
CA GLU C 140 -18.75 23.04 2.62
C GLU C 140 -18.01 23.89 1.59
N ASP C 141 -18.76 24.66 0.78
CA ASP C 141 -18.18 25.64 -0.11
C ASP C 141 -17.99 26.93 0.72
N CYS C 142 -16.80 27.14 1.29
CA CYS C 142 -16.57 28.23 2.22
C CYS C 142 -16.44 29.55 1.46
N VAL C 143 -17.38 30.49 1.72
CA VAL C 143 -17.36 31.83 1.12
C VAL C 143 -16.51 32.75 2.00
N VAL C 144 -15.61 33.57 1.42
CA VAL C 144 -14.98 34.68 2.15
C VAL C 144 -14.98 35.94 1.27
N THR C 150 -14.70 38.18 -3.26
CA THR C 150 -15.43 36.94 -2.86
C THR C 150 -14.77 35.71 -3.50
N LEU C 151 -14.31 34.78 -2.66
CA LEU C 151 -13.72 33.54 -3.10
C LEU C 151 -14.41 32.36 -2.45
N ILE C 152 -14.60 31.29 -3.24
CA ILE C 152 -15.22 30.04 -2.82
C ILE C 152 -14.12 28.97 -2.70
N PHE C 153 -13.93 28.43 -1.50
CA PHE C 153 -12.98 27.36 -1.21
C PHE C 153 -13.75 26.09 -0.86
N PRO C 154 -14.12 25.20 -1.83
CA PRO C 154 -14.67 23.88 -1.49
C PRO C 154 -13.69 23.13 -0.58
N THR C 155 -14.22 22.78 0.59
CA THR C 155 -13.44 22.27 1.70
C THR C 155 -14.05 20.98 2.19
N LEU C 156 -13.15 20.00 2.47
CA LEU C 156 -13.51 18.68 2.98
C LEU C 156 -13.15 18.68 4.44
N PHE C 157 -14.13 18.36 5.30
CA PHE C 157 -13.87 18.25 6.73
C PHE C 157 -13.84 16.78 7.10
N MET C 158 -12.84 16.39 7.91
CA MET C 158 -12.58 14.97 8.17
C MET C 158 -12.21 14.85 9.63
N GLU C 159 -12.43 13.70 10.25
CA GLU C 159 -11.93 13.44 11.60
C GLU C 159 -11.60 11.95 11.76
N LYS C 160 -10.94 11.64 12.87
CA LYS C 160 -10.59 10.28 13.24
C LYS C 160 -10.72 10.19 14.77
N ILE C 161 -11.46 9.17 15.26
CA ILE C 161 -11.54 8.89 16.67
C ILE C 161 -10.38 7.97 17.00
N LEU C 162 -9.71 8.25 18.13
CA LEU C 162 -8.60 7.47 18.62
C LEU C 162 -9.09 6.52 19.73
#